data_6O59
#
_entry.id   6O59
#
_cell.length_a   106.245
_cell.length_b   106.245
_cell.length_c   140.188
_cell.angle_alpha   90.000
_cell.angle_beta   90.000
_cell.angle_gamma   90.000
#
_symmetry.space_group_name_H-M   'P 41 21 2'
#
loop_
_entity.id
_entity.type
_entity.pdbx_description
1 polymer 'Germination protein'
2 water water
#
_entity_poly.entity_id   1
_entity_poly.type   'polypeptide(L)'
_entity_poly.pdbx_seq_one_letter_code
;RTVSSLKNLLSENLTLIKEKTGNSSDIVIRHFKIGVNNSLAAAIVYIEGIVDNQAIQDYLLQSLMKDNQKNDLNDQNALE
LISEDIVTMGNVSFADNWNDLLSSLMSGDSLLIVDGINRVLSVSTQGGEKRAIAESTTQMVVRGPKGAFTESIGTNLAMV
RRIIKTPDLWLESMKIGRVTKTDVTLMYIHGIANDKVVKEIRKRLKNIDIDSILESGYVEQLIEDQTVTPFPTIYNTERP
DVVAGNLLEGRIAIFVDGTPFGLIAPALFIQF
;
_entity_poly.pdbx_strand_id   A,B
#
# COMPACT_ATOMS: atom_id res chain seq x y z
N ARG A 1 -18.23 0.08 25.34
CA ARG A 1 -16.95 0.67 24.95
C ARG A 1 -15.76 -0.13 25.56
N THR A 2 -15.66 -1.43 25.19
CA THR A 2 -14.63 -2.37 25.69
C THR A 2 -13.20 -1.87 25.35
N VAL A 3 -12.42 -1.55 26.40
CA VAL A 3 -11.05 -1.06 26.31
C VAL A 3 -10.08 -1.96 27.11
N SER A 4 -9.01 -2.42 26.43
CA SER A 4 -7.94 -3.21 27.02
C SER A 4 -6.90 -2.25 27.61
N SER A 5 -6.63 -2.32 28.94
CA SER A 5 -5.67 -1.43 29.63
C SER A 5 -4.23 -1.83 29.32
N LEU A 6 -3.29 -0.95 29.59
CA LEU A 6 -1.89 -1.21 29.28
C LEU A 6 -1.23 -2.02 30.39
N LYS A 7 -0.32 -2.92 29.99
CA LYS A 7 0.40 -3.78 30.92
C LYS A 7 1.44 -2.95 31.66
N ASN A 8 1.78 -3.33 32.91
CA ASN A 8 2.75 -2.58 33.70
C ASN A 8 4.17 -2.84 33.19
N LEU A 9 4.51 -4.08 32.82
CA LEU A 9 5.84 -4.38 32.28
C LEU A 9 6.02 -3.83 30.86
N LEU A 10 7.20 -3.23 30.59
CA LEU A 10 7.58 -2.65 29.30
C LEU A 10 7.69 -3.77 28.25
N SER A 11 8.28 -4.92 28.65
CA SER A 11 8.45 -6.13 27.85
C SER A 11 7.12 -6.59 27.29
N GLU A 12 6.07 -6.58 28.16
CA GLU A 12 4.72 -6.98 27.85
C GLU A 12 4.07 -6.02 26.85
N ASN A 13 4.34 -4.71 27.00
CA ASN A 13 3.79 -3.70 26.11
C ASN A 13 4.43 -3.77 24.76
N LEU A 14 5.74 -4.08 24.72
CA LEU A 14 6.47 -4.17 23.45
C LEU A 14 6.05 -5.44 22.70
N THR A 15 5.95 -6.58 23.39
CA THR A 15 5.53 -7.82 22.73
C THR A 15 4.15 -7.65 22.08
N LEU A 16 3.21 -6.96 22.79
CA LEU A 16 1.83 -6.70 22.36
C LEU A 16 1.79 -5.73 21.17
N ILE A 17 2.68 -4.71 21.11
CA ILE A 17 2.73 -3.78 19.97
C ILE A 17 3.11 -4.60 18.72
N LYS A 18 4.22 -5.34 18.80
CA LYS A 18 4.73 -6.21 17.74
C LYS A 18 3.61 -7.14 17.23
N GLU A 19 2.82 -7.69 18.16
CA GLU A 19 1.71 -8.58 17.94
C GLU A 19 0.60 -7.87 17.14
N LYS A 20 0.19 -6.69 17.63
CA LYS A 20 -0.92 -5.90 17.11
C LYS A 20 -0.62 -5.22 15.79
N THR A 21 0.65 -4.83 15.56
CA THR A 21 1.10 -4.17 14.33
C THR A 21 1.71 -5.17 13.31
N GLY A 22 1.57 -6.46 13.58
CA GLY A 22 2.02 -7.56 12.73
C GLY A 22 3.51 -7.69 12.49
N ASN A 23 4.32 -7.18 13.45
CA ASN A 23 5.80 -7.14 13.43
C ASN A 23 6.25 -6.44 12.14
N SER A 24 5.57 -5.28 11.84
CA SER A 24 5.79 -4.46 10.65
C SER A 24 7.20 -3.91 10.65
N SER A 25 7.85 -3.97 9.48
CA SER A 25 9.26 -3.61 9.31
C SER A 25 9.59 -2.14 9.56
N ASP A 26 8.60 -1.22 9.51
CA ASP A 26 8.86 0.21 9.68
C ASP A 26 8.57 0.72 11.08
N ILE A 27 8.17 -0.18 11.98
CA ILE A 27 7.93 0.22 13.36
C ILE A 27 9.24 0.04 14.14
N VAL A 28 9.81 1.18 14.59
CA VAL A 28 11.09 1.25 15.30
C VAL A 28 10.89 1.28 16.82
N ILE A 29 11.66 0.42 17.52
CA ILE A 29 11.75 0.32 18.97
C ILE A 29 13.19 0.64 19.36
N ARG A 30 13.38 1.76 20.07
CA ARG A 30 14.69 2.16 20.57
C ARG A 30 14.74 1.94 22.07
N HIS A 31 15.50 0.95 22.51
CA HIS A 31 15.64 0.69 23.94
C HIS A 31 16.65 1.65 24.53
N PHE A 32 16.37 2.13 25.73
CA PHE A 32 17.28 2.97 26.49
C PHE A 32 17.02 2.79 28.00
N LYS A 33 17.87 3.40 28.81
CA LYS A 33 17.79 3.30 30.26
C LYS A 33 17.80 4.68 30.87
N ILE A 34 17.05 4.83 31.96
CA ILE A 34 16.91 6.05 32.71
C ILE A 34 17.08 5.76 34.22
N GLY A 35 17.23 6.81 35.00
CA GLY A 35 17.44 6.68 36.44
C GLY A 35 18.88 6.92 36.83
N VAL A 36 19.14 6.87 38.15
CA VAL A 36 20.45 7.10 38.77
C VAL A 36 21.49 6.10 38.21
N ASN A 37 21.37 4.80 38.57
CA ASN A 37 22.28 3.74 38.14
C ASN A 37 21.80 3.03 36.85
N ASN A 38 21.00 3.76 36.02
CA ASN A 38 20.39 3.29 34.75
C ASN A 38 19.64 1.98 34.97
N SER A 39 18.86 1.94 36.08
CA SER A 39 18.07 0.79 36.53
C SER A 39 16.72 0.70 35.81
N LEU A 40 16.16 1.85 35.42
CA LEU A 40 14.84 1.87 34.82
C LEU A 40 14.92 1.80 33.30
N ALA A 41 14.41 0.69 32.73
CA ALA A 41 14.35 0.49 31.29
C ALA A 41 13.20 1.28 30.71
N ALA A 42 13.44 1.90 29.53
CA ALA A 42 12.45 2.67 28.79
C ALA A 42 12.60 2.41 27.29
N ALA A 43 11.60 2.76 26.49
CA ALA A 43 11.65 2.59 25.04
C ALA A 43 10.94 3.70 24.29
N ILE A 44 11.48 4.04 23.09
CA ILE A 44 10.87 4.96 22.12
C ILE A 44 10.30 4.10 21.01
N VAL A 45 9.00 4.24 20.74
CA VAL A 45 8.34 3.48 19.68
C VAL A 45 7.76 4.48 18.68
N TYR A 46 8.16 4.37 17.41
CA TYR A 46 7.66 5.25 16.35
C TYR A 46 7.69 4.56 14.96
N ILE A 47 6.85 5.05 14.03
CA ILE A 47 6.81 4.58 12.62
C ILE A 47 7.80 5.44 11.82
N GLU A 48 8.78 4.78 11.21
CA GLU A 48 9.82 5.33 10.35
C GLU A 48 9.25 6.20 9.22
N GLY A 49 9.84 7.37 9.05
CA GLY A 49 9.55 8.30 7.97
C GLY A 49 8.31 9.15 8.02
N ILE A 50 7.47 9.00 9.05
CA ILE A 50 6.24 9.80 9.16
C ILE A 50 6.32 10.67 10.43
N VAL A 51 7.56 10.93 10.87
CA VAL A 51 7.82 11.71 12.09
C VAL A 51 9.24 12.36 12.07
N ASP A 52 9.34 13.56 12.68
N ASP A 52 9.38 13.59 12.63
CA ASP A 52 10.56 14.33 12.89
CA ASP A 52 10.68 14.24 12.80
C ASP A 52 10.92 14.14 14.36
C ASP A 52 10.98 14.15 14.28
N ASN A 53 11.70 13.09 14.64
CA ASN A 53 12.06 12.66 15.98
C ASN A 53 13.41 13.03 16.54
N GLN A 54 14.40 13.38 15.70
CA GLN A 54 15.77 13.52 16.15
C GLN A 54 15.90 14.23 17.50
N ALA A 55 15.46 15.49 17.65
CA ALA A 55 15.54 16.25 18.91
C ALA A 55 15.04 15.45 20.15
N ILE A 56 13.92 14.70 20.03
CA ILE A 56 13.32 13.90 21.10
C ILE A 56 14.21 12.67 21.38
N GLN A 57 14.62 11.94 20.32
CA GLN A 57 15.53 10.80 20.42
C GLN A 57 16.86 11.23 21.03
N ASP A 58 17.39 12.39 20.60
CA ASP A 58 18.62 12.99 21.12
C ASP A 58 18.52 13.19 22.62
N TYR A 59 17.41 13.81 23.07
CA TYR A 59 17.16 14.10 24.48
C TYR A 59 17.15 12.79 25.28
N LEU A 60 16.31 11.84 24.87
CA LEU A 60 16.09 10.57 25.53
C LEU A 60 17.30 9.65 25.49
N LEU A 61 17.82 9.36 24.29
CA LEU A 61 18.92 8.42 24.08
C LEU A 61 20.30 8.98 24.46
N GLN A 62 20.45 10.29 24.65
CA GLN A 62 21.73 10.83 25.11
C GLN A 62 21.62 11.27 26.56
N SER A 63 20.39 11.16 27.14
CA SER A 63 19.97 11.55 28.51
C SER A 63 20.38 13.01 28.74
N LEU A 64 19.66 13.93 28.07
CA LEU A 64 19.97 15.37 28.06
C LEU A 64 19.23 16.18 29.15
N MET A 65 18.58 15.48 30.11
CA MET A 65 17.86 16.09 31.23
C MET A 65 18.83 16.66 32.31
N LYS A 66 19.62 15.77 32.98
CA LYS A 66 20.55 15.99 34.12
C LYS A 66 21.16 17.45 34.21
N ASP A 67 21.02 18.19 35.36
CA ASP A 67 20.36 17.87 36.64
C ASP A 67 18.83 17.70 36.48
N ASN A 68 18.17 17.24 37.57
CA ASN A 68 16.74 16.92 37.80
C ASN A 68 16.50 15.43 37.59
N GLN A 69 17.53 14.75 37.05
CA GLN A 69 17.63 13.31 36.86
C GLN A 69 17.74 12.65 38.24
N LYS A 70 18.23 13.45 39.21
CA LYS A 70 18.42 13.12 40.63
C LYS A 70 17.21 13.60 41.44
N ASN A 71 16.60 14.76 41.06
CA ASN A 71 15.42 15.36 41.73
C ASN A 71 14.36 14.29 41.99
N ASP A 72 13.93 13.61 40.91
CA ASP A 72 13.04 12.45 41.03
C ASP A 72 13.88 11.26 40.66
N LEU A 73 14.23 10.47 41.68
CA LEU A 73 15.03 9.27 41.55
C LEU A 73 14.16 8.13 40.97
N ASN A 74 13.62 8.39 39.76
CA ASN A 74 12.83 7.54 38.86
C ASN A 74 11.69 6.72 39.52
N ASP A 75 11.23 5.70 38.77
CA ASP A 75 10.25 4.64 38.99
C ASP A 75 8.80 5.10 39.06
N GLN A 76 8.48 6.12 39.87
CA GLN A 76 7.09 6.54 40.06
C GLN A 76 6.73 7.78 39.25
N ASN A 77 7.54 8.85 39.32
CA ASN A 77 7.26 10.11 38.60
C ASN A 77 8.06 10.25 37.28
N ALA A 78 8.89 9.25 36.91
CA ALA A 78 9.77 9.24 35.73
C ALA A 78 9.11 9.81 34.47
N LEU A 79 7.94 9.30 34.09
CA LEU A 79 7.21 9.72 32.88
C LEU A 79 6.78 11.19 32.95
N GLU A 80 6.20 11.62 34.08
CA GLU A 80 5.73 12.98 34.30
C GLU A 80 6.93 13.96 34.40
N LEU A 81 8.03 13.56 35.04
CA LEU A 81 9.24 14.36 35.16
C LEU A 81 9.88 14.60 33.78
N ILE A 82 9.89 13.54 32.94
CA ILE A 82 10.46 13.58 31.59
C ILE A 82 9.57 14.43 30.71
N SER A 83 8.22 14.30 30.87
CA SER A 83 7.23 15.04 30.07
C SER A 83 7.43 16.56 30.17
N GLU A 84 7.88 17.08 31.34
CA GLU A 84 8.13 18.50 31.59
C GLU A 84 9.14 19.11 30.62
N ASP A 85 10.06 18.27 30.08
CA ASP A 85 11.06 18.66 29.09
C ASP A 85 10.56 18.43 27.69
N ILE A 86 9.85 17.31 27.46
CA ILE A 86 9.33 16.92 26.15
C ILE A 86 8.23 17.91 25.65
N VAL A 87 7.47 18.56 26.56
CA VAL A 87 6.44 19.53 26.17
C VAL A 87 7.07 20.72 25.39
N THR A 88 8.37 21.01 25.62
CA THR A 88 9.10 22.09 24.93
C THR A 88 9.51 21.66 23.52
N MET A 89 9.40 20.35 23.24
CA MET A 89 9.85 19.75 22.00
C MET A 89 8.74 19.25 21.09
N GLY A 90 7.51 19.18 21.60
CA GLY A 90 6.34 18.70 20.89
C GLY A 90 5.11 18.65 21.78
N ASN A 91 3.94 18.44 21.15
CA ASN A 91 2.66 18.41 21.84
C ASN A 91 2.43 17.03 22.46
N VAL A 92 2.44 17.03 23.82
CA VAL A 92 2.40 15.83 24.62
C VAL A 92 0.98 15.46 25.05
N SER A 93 0.67 14.18 24.91
CA SER A 93 -0.58 13.60 25.32
C SER A 93 -0.25 12.28 26.06
N PHE A 94 -1.24 11.65 26.70
CA PHE A 94 -1.00 10.38 27.40
C PHE A 94 -2.05 9.36 27.01
N ALA A 95 -1.61 8.09 26.79
CA ALA A 95 -2.50 6.97 26.43
C ALA A 95 -2.49 5.92 27.55
N ASP A 96 -3.67 5.38 27.94
CA ASP A 96 -3.80 4.38 29.03
C ASP A 96 -4.65 3.14 28.62
N ASN A 97 -4.84 2.97 27.29
CA ASN A 97 -5.55 1.87 26.64
C ASN A 97 -4.96 1.68 25.23
N TRP A 98 -5.12 0.47 24.66
CA TRP A 98 -4.52 0.09 23.36
C TRP A 98 -5.04 0.91 22.17
N ASN A 99 -6.35 1.22 22.11
CA ASN A 99 -6.94 1.97 21.01
C ASN A 99 -6.26 3.33 20.83
N ASP A 100 -6.16 4.11 21.93
CA ASP A 100 -5.53 5.44 21.97
C ASP A 100 -4.05 5.39 21.64
N LEU A 101 -3.35 4.38 22.20
CA LEU A 101 -1.92 4.17 21.95
C LEU A 101 -1.67 3.92 20.47
N LEU A 102 -2.36 2.91 19.91
CA LEU A 102 -2.18 2.49 18.54
C LEU A 102 -2.54 3.58 17.54
N SER A 103 -3.62 4.34 17.77
CA SER A 103 -4.02 5.40 16.86
C SER A 103 -2.99 6.53 16.84
N SER A 104 -2.38 6.87 18.00
CA SER A 104 -1.38 7.93 18.08
C SER A 104 -0.08 7.48 17.35
N LEU A 105 0.30 6.20 17.52
CA LEU A 105 1.45 5.62 16.84
C LEU A 105 1.26 5.70 15.32
N MET A 106 0.08 5.28 14.81
CA MET A 106 -0.25 5.25 13.37
C MET A 106 -0.34 6.67 12.78
N SER A 107 -0.59 7.68 13.63
CA SER A 107 -0.72 9.06 13.19
C SER A 107 0.63 9.82 13.25
N GLY A 108 1.73 9.09 13.32
CA GLY A 108 3.06 9.69 13.35
C GLY A 108 3.55 10.24 14.66
N ASP A 109 2.98 9.80 15.81
CA ASP A 109 3.48 10.26 17.11
C ASP A 109 4.61 9.37 17.58
N SER A 110 5.36 9.80 18.58
CA SER A 110 6.39 8.96 19.18
C SER A 110 5.90 8.56 20.56
N LEU A 111 5.99 7.26 20.84
CA LEU A 111 5.56 6.74 22.13
C LEU A 111 6.75 6.62 23.04
N LEU A 112 6.55 6.95 24.31
CA LEU A 112 7.56 6.77 25.34
C LEU A 112 6.97 5.81 26.38
N ILE A 113 7.56 4.60 26.48
CA ILE A 113 7.11 3.55 27.38
C ILE A 113 8.20 3.32 28.44
N VAL A 114 7.80 3.30 29.74
CA VAL A 114 8.71 3.13 30.86
C VAL A 114 8.35 1.81 31.62
N ASP A 115 9.41 1.07 32.05
CA ASP A 115 9.49 -0.25 32.68
C ASP A 115 8.26 -0.72 33.42
N GLY A 116 7.67 0.12 34.27
CA GLY A 116 6.50 -0.29 35.03
C GLY A 116 5.44 0.76 35.25
N ILE A 117 5.30 1.68 34.31
CA ILE A 117 4.36 2.81 34.57
C ILE A 117 2.95 2.48 34.13
N ASN A 118 2.77 1.84 32.96
CA ASN A 118 1.44 1.41 32.43
C ASN A 118 0.63 2.57 31.81
N ARG A 119 1.21 3.77 31.73
CA ARG A 119 0.63 4.93 31.00
C ARG A 119 1.68 5.25 29.93
N VAL A 120 1.24 5.51 28.70
CA VAL A 120 2.25 5.77 27.63
C VAL A 120 2.18 7.23 27.25
N LEU A 121 3.34 7.86 27.07
CA LEU A 121 3.38 9.28 26.66
C LEU A 121 3.51 9.37 25.14
N SER A 122 2.64 10.17 24.53
CA SER A 122 2.66 10.46 23.09
C SER A 122 3.14 11.90 22.81
N VAL A 123 4.03 12.06 21.84
CA VAL A 123 4.49 13.39 21.47
C VAL A 123 4.34 13.57 19.95
N SER A 124 3.81 14.73 19.53
CA SER A 124 3.61 15.09 18.13
C SER A 124 4.55 16.23 17.70
N THR A 125 5.16 16.10 16.50
CA THR A 125 6.07 17.11 15.91
C THR A 125 5.40 17.84 14.69
N GLN A 126 4.18 17.40 14.26
CA GLN A 126 3.43 18.05 13.17
C GLN A 126 2.32 19.03 13.74
N GLY A 127 1.71 19.82 12.84
CA GLY A 127 0.66 20.80 13.16
C GLY A 127 -0.52 20.91 12.19
N GLY A 128 -0.52 20.10 11.13
CA GLY A 128 -1.57 20.07 10.12
C GLY A 128 -1.51 21.22 9.13
N LYS A 146 2.93 14.92 -8.70
CA LYS A 146 3.92 15.68 -7.89
C LYS A 146 4.28 14.92 -6.60
N GLY A 147 3.27 14.37 -5.92
CA GLY A 147 3.39 13.56 -4.70
C GLY A 147 3.31 12.07 -5.05
N ALA A 148 4.15 11.67 -6.02
CA ALA A 148 4.25 10.32 -6.54
C ALA A 148 5.33 9.53 -5.82
N PHE A 149 5.30 8.21 -5.98
CA PHE A 149 6.29 7.32 -5.42
C PHE A 149 7.68 7.62 -6.00
N THR A 150 8.72 7.32 -5.22
CA THR A 150 10.13 7.51 -5.58
C THR A 150 10.82 6.14 -5.73
N GLU A 151 12.16 6.16 -5.91
CA GLU A 151 13.00 4.96 -6.07
C GLU A 151 13.29 4.31 -4.70
N SER A 152 12.95 5.02 -3.58
CA SER A 152 13.19 4.56 -2.21
C SER A 152 11.97 3.86 -1.60
N ILE A 153 12.14 2.59 -1.15
CA ILE A 153 11.09 1.81 -0.49
C ILE A 153 10.63 2.57 0.76
N GLY A 154 11.57 3.00 1.60
CA GLY A 154 11.32 3.72 2.84
C GLY A 154 10.40 4.90 2.69
N THR A 155 10.67 5.72 1.65
CA THR A 155 9.88 6.90 1.30
C THR A 155 8.48 6.48 0.86
N ASN A 156 8.40 5.45 -0.01
CA ASN A 156 7.14 4.91 -0.54
C ASN A 156 6.24 4.34 0.59
N LEU A 157 6.81 3.58 1.54
CA LEU A 157 6.07 3.02 2.67
C LEU A 157 5.45 4.11 3.52
N ALA A 158 6.26 5.16 3.80
CA ALA A 158 5.89 6.34 4.56
C ALA A 158 4.69 7.05 3.89
N MET A 159 4.69 7.13 2.54
CA MET A 159 3.62 7.76 1.78
C MET A 159 2.30 7.04 1.99
N VAL A 160 2.29 5.70 1.98
CA VAL A 160 1.09 4.88 2.20
C VAL A 160 0.61 5.06 3.65
N ARG A 161 1.53 4.92 4.63
CA ARG A 161 1.32 5.08 6.07
C ARG A 161 0.66 6.42 6.46
N ARG A 162 0.80 7.43 5.61
CA ARG A 162 0.25 8.76 5.82
C ARG A 162 -1.22 8.80 5.47
N ILE A 163 -1.63 7.92 4.51
CA ILE A 163 -3.01 7.76 3.99
C ILE A 163 -3.78 6.67 4.79
N ILE A 164 -3.20 5.45 4.92
CA ILE A 164 -3.83 4.36 5.65
C ILE A 164 -3.28 4.37 7.06
N LYS A 165 -4.07 4.86 8.03
CA LYS A 165 -3.61 4.96 9.42
C LYS A 165 -4.19 3.82 10.33
N THR A 166 -4.07 2.58 9.90
CA THR A 166 -4.51 1.45 10.73
C THR A 166 -3.32 0.59 11.21
N PRO A 167 -3.34 0.07 12.45
CA PRO A 167 -2.27 -0.86 12.85
C PRO A 167 -2.42 -2.21 12.15
N ASP A 168 -3.57 -2.43 11.46
CA ASP A 168 -3.86 -3.67 10.72
C ASP A 168 -3.11 -3.70 9.37
N LEU A 169 -2.50 -2.56 8.97
CA LEU A 169 -1.67 -2.51 7.77
C LEU A 169 -0.33 -3.15 8.14
N TRP A 170 -0.13 -4.37 7.63
CA TRP A 170 1.05 -5.14 7.94
C TRP A 170 2.04 -5.14 6.76
N LEU A 171 3.32 -4.79 7.06
CA LEU A 171 4.46 -4.67 6.12
C LEU A 171 5.48 -5.78 6.36
N GLU A 172 5.84 -6.55 5.31
CA GLU A 172 6.69 -7.73 5.31
C GLU A 172 7.84 -7.48 4.34
N SER A 173 9.04 -7.36 4.87
CA SER A 173 10.25 -7.16 4.08
C SER A 173 10.87 -8.48 3.70
N MET A 174 11.34 -8.59 2.45
CA MET A 174 11.96 -9.82 1.96
C MET A 174 12.98 -9.50 0.85
N LYS A 175 13.81 -10.50 0.51
CA LYS A 175 14.84 -10.43 -0.50
C LYS A 175 14.50 -11.43 -1.57
N ILE A 176 14.01 -10.94 -2.70
CA ILE A 176 13.63 -11.77 -3.83
C ILE A 176 14.61 -11.54 -4.96
N GLY A 177 14.73 -12.50 -5.86
CA GLY A 177 15.62 -12.38 -7.00
C GLY A 177 16.13 -13.72 -7.47
N ARG A 178 16.24 -13.87 -8.82
CA ARG A 178 16.71 -15.09 -9.44
C ARG A 178 18.23 -15.22 -9.32
N VAL A 179 19.01 -14.30 -9.95
CA VAL A 179 20.49 -14.35 -9.94
C VAL A 179 21.05 -13.64 -8.68
N THR A 180 20.63 -12.37 -8.47
CA THR A 180 21.02 -11.54 -7.33
C THR A 180 19.79 -11.14 -6.56
N LYS A 181 19.92 -10.85 -5.25
CA LYS A 181 18.77 -10.46 -4.42
C LYS A 181 18.47 -8.95 -4.48
N THR A 182 17.19 -8.64 -4.51
CA THR A 182 16.58 -7.30 -4.51
C THR A 182 15.68 -7.20 -3.29
N ASP A 183 15.77 -6.08 -2.58
CA ASP A 183 14.95 -5.81 -1.41
C ASP A 183 13.55 -5.41 -1.85
N VAL A 184 12.57 -5.99 -1.19
CA VAL A 184 11.16 -5.83 -1.49
C VAL A 184 10.37 -5.73 -0.18
N THR A 185 9.34 -4.85 -0.14
CA THR A 185 8.42 -4.76 0.99
C THR A 185 6.99 -5.01 0.46
N LEU A 186 6.33 -6.00 1.06
CA LEU A 186 4.96 -6.45 0.79
C LEU A 186 3.99 -5.80 1.81
N MET A 187 2.81 -5.37 1.37
CA MET A 187 1.76 -4.74 2.18
C MET A 187 0.40 -5.38 1.98
N TYR A 188 -0.39 -5.49 3.07
CA TYR A 188 -1.77 -5.97 3.06
C TYR A 188 -2.44 -5.54 4.36
N ILE A 189 -3.78 -5.38 4.35
CA ILE A 189 -4.49 -5.03 5.58
C ILE A 189 -5.03 -6.33 6.15
N HIS A 190 -4.43 -6.76 7.27
CA HIS A 190 -4.82 -7.93 8.04
C HIS A 190 -6.31 -7.84 8.42
N GLY A 191 -7.08 -8.87 8.08
CA GLY A 191 -8.51 -8.87 8.38
C GLY A 191 -9.38 -8.45 7.22
N ILE A 192 -8.81 -7.70 6.27
CA ILE A 192 -9.50 -7.24 5.06
C ILE A 192 -9.02 -8.16 3.92
N ALA A 193 -7.68 -8.31 3.77
CA ALA A 193 -7.11 -9.20 2.77
C ALA A 193 -7.37 -10.66 3.13
N ASN A 194 -7.66 -11.50 2.12
CA ASN A 194 -7.87 -12.94 2.30
C ASN A 194 -6.52 -13.59 2.57
N ASP A 195 -6.42 -14.38 3.65
CA ASP A 195 -5.17 -15.03 4.03
C ASP A 195 -4.66 -16.00 2.96
N LYS A 196 -5.57 -16.75 2.31
CA LYS A 196 -5.17 -17.69 1.25
C LYS A 196 -4.57 -16.94 0.05
N VAL A 197 -5.05 -15.72 -0.25
CA VAL A 197 -4.55 -14.87 -1.33
C VAL A 197 -3.16 -14.31 -0.94
N VAL A 198 -2.99 -13.90 0.34
CA VAL A 198 -1.74 -13.35 0.85
C VAL A 198 -0.66 -14.45 0.81
N LYS A 199 -0.97 -15.65 1.35
CA LYS A 199 -0.05 -16.80 1.38
C LYS A 199 0.43 -17.17 -0.03
N GLU A 200 -0.49 -17.15 -1.03
CA GLU A 200 -0.18 -17.49 -2.41
C GLU A 200 0.68 -16.44 -3.09
N ILE A 201 0.40 -15.14 -2.88
CA ILE A 201 1.17 -14.07 -3.51
C ILE A 201 2.61 -14.06 -2.93
N ARG A 202 2.74 -14.24 -1.59
CA ARG A 202 4.02 -14.28 -0.88
C ARG A 202 4.89 -15.43 -1.41
N LYS A 203 4.30 -16.64 -1.55
CA LYS A 203 4.92 -17.86 -2.08
C LYS A 203 5.46 -17.61 -3.50
N ARG A 204 4.65 -17.01 -4.39
CA ARG A 204 5.04 -16.71 -5.78
C ARG A 204 6.19 -15.72 -5.82
N LEU A 205 6.14 -14.68 -4.97
CA LEU A 205 7.15 -13.62 -4.89
C LEU A 205 8.52 -14.17 -4.56
N LYS A 206 8.59 -15.05 -3.57
CA LYS A 206 9.82 -15.69 -3.10
C LYS A 206 10.61 -16.34 -4.27
N ASN A 207 9.91 -16.87 -5.28
CA ASN A 207 10.53 -17.55 -6.43
C ASN A 207 10.33 -16.80 -7.77
N ILE A 208 9.81 -15.56 -7.74
CA ILE A 208 9.56 -14.76 -8.95
C ILE A 208 10.88 -14.23 -9.54
N ASP A 209 10.91 -14.08 -10.87
CA ASP A 209 11.99 -13.45 -11.61
C ASP A 209 11.48 -12.04 -11.90
N ILE A 210 11.57 -11.20 -10.86
CA ILE A 210 11.08 -9.84 -10.84
C ILE A 210 11.64 -8.98 -11.99
N ASP A 211 12.87 -9.24 -12.40
CA ASP A 211 13.50 -8.48 -13.47
C ASP A 211 12.80 -8.74 -14.80
N SER A 212 12.60 -10.04 -15.12
CA SER A 212 11.91 -10.51 -16.33
C SER A 212 10.43 -10.03 -16.34
N ILE A 213 9.75 -10.13 -15.18
CA ILE A 213 8.36 -9.71 -14.98
C ILE A 213 8.24 -8.23 -15.29
N LEU A 214 9.12 -7.40 -14.71
CA LEU A 214 9.08 -5.95 -14.90
C LEU A 214 9.47 -5.55 -16.32
N GLU A 215 10.51 -6.18 -16.87
CA GLU A 215 10.99 -5.92 -18.23
C GLU A 215 9.90 -6.25 -19.26
N SER A 216 9.05 -7.26 -18.98
CA SER A 216 7.92 -7.66 -19.85
C SER A 216 6.85 -6.55 -19.92
N GLY A 217 6.86 -5.66 -18.93
CA GLY A 217 5.96 -4.52 -18.81
C GLY A 217 6.42 -3.27 -19.52
N TYR A 218 7.65 -3.28 -20.08
CA TYR A 218 8.19 -2.14 -20.84
C TYR A 218 7.42 -2.02 -22.17
N VAL A 219 7.13 -0.78 -22.62
CA VAL A 219 6.31 -0.49 -23.81
C VAL A 219 6.81 -1.23 -25.06
N GLU A 220 8.15 -1.29 -25.25
CA GLU A 220 8.82 -1.98 -26.36
C GLU A 220 8.48 -3.48 -26.40
N GLN A 221 8.54 -4.15 -25.24
CA GLN A 221 8.22 -5.57 -25.08
C GLN A 221 6.72 -5.83 -25.22
N LEU A 222 5.85 -4.90 -24.77
CA LEU A 222 4.40 -5.06 -24.93
C LEU A 222 3.98 -4.93 -26.38
N ILE A 223 4.66 -4.04 -27.12
CA ILE A 223 4.42 -3.77 -28.54
C ILE A 223 4.74 -5.02 -29.38
N GLU A 224 5.89 -5.71 -29.11
CA GLU A 224 6.35 -6.85 -29.89
C GLU A 224 6.12 -8.24 -29.26
N ASP A 225 6.80 -8.55 -28.13
CA ASP A 225 6.82 -9.83 -27.41
C ASP A 225 5.41 -10.40 -27.15
N GLN A 226 4.62 -9.72 -26.29
CA GLN A 226 3.25 -10.06 -25.86
C GLN A 226 3.18 -11.44 -25.20
N THR A 227 3.95 -11.59 -24.12
CA THR A 227 4.06 -12.82 -23.32
C THR A 227 2.87 -12.99 -22.37
N VAL A 228 2.64 -14.24 -21.94
CA VAL A 228 1.60 -14.56 -20.94
C VAL A 228 2.17 -14.14 -19.57
N THR A 229 1.29 -13.95 -18.59
CA THR A 229 1.71 -13.53 -17.27
C THR A 229 1.25 -14.56 -16.23
N PRO A 230 2.18 -15.19 -15.51
CA PRO A 230 1.78 -16.15 -14.47
C PRO A 230 1.17 -15.43 -13.25
N PHE A 231 0.44 -16.18 -12.42
CA PHE A 231 -0.18 -15.66 -11.21
C PHE A 231 0.88 -15.13 -10.21
N PRO A 232 0.63 -13.94 -9.61
CA PRO A 232 -0.47 -13.01 -9.85
C PRO A 232 -0.11 -11.94 -10.87
N THR A 233 -1.09 -11.49 -11.66
CA THR A 233 -0.90 -10.36 -12.57
C THR A 233 -0.70 -9.14 -11.71
N ILE A 234 0.16 -8.21 -12.14
CA ILE A 234 0.43 -7.04 -11.30
C ILE A 234 0.07 -5.75 -12.04
N TYR A 235 -0.32 -4.74 -11.27
CA TYR A 235 -0.67 -3.42 -11.77
C TYR A 235 0.27 -2.38 -11.14
N ASN A 236 0.99 -1.61 -11.98
CA ASN A 236 1.90 -0.58 -11.52
C ASN A 236 1.21 0.81 -11.39
N THR A 237 1.40 1.48 -10.26
CA THR A 237 0.83 2.81 -10.02
C THR A 237 1.85 3.68 -9.30
N GLU A 238 1.97 4.93 -9.71
CA GLU A 238 2.86 5.88 -9.04
C GLU A 238 2.10 6.71 -8.00
N ARG A 239 0.79 6.46 -7.84
CA ARG A 239 -0.12 7.20 -6.96
C ARG A 239 -0.38 6.47 -5.62
N PRO A 240 0.07 7.03 -4.46
CA PRO A 240 -0.19 6.36 -3.16
C PRO A 240 -1.69 6.17 -2.82
N ASP A 241 -2.58 7.09 -3.28
CA ASP A 241 -4.03 6.98 -3.03
C ASP A 241 -4.62 5.75 -3.73
N VAL A 242 -4.12 5.40 -4.94
CA VAL A 242 -4.55 4.23 -5.70
C VAL A 242 -4.12 2.96 -4.95
N VAL A 243 -2.91 2.96 -4.35
CA VAL A 243 -2.40 1.84 -3.53
C VAL A 243 -3.29 1.70 -2.31
N ALA A 244 -3.57 2.83 -1.63
CA ALA A 244 -4.43 2.90 -0.45
C ALA A 244 -5.82 2.30 -0.75
N GLY A 245 -6.42 2.67 -1.89
CA GLY A 245 -7.71 2.17 -2.31
C GLY A 245 -7.72 0.67 -2.49
N ASN A 246 -6.69 0.12 -3.19
CA ASN A 246 -6.61 -1.33 -3.40
C ASN A 246 -6.35 -2.10 -2.10
N LEU A 247 -5.57 -1.50 -1.18
CA LEU A 247 -5.32 -2.12 0.12
C LEU A 247 -6.63 -2.25 0.91
N LEU A 248 -7.53 -1.24 0.84
CA LEU A 248 -8.82 -1.28 1.53
C LEU A 248 -9.79 -2.27 0.86
N GLU A 249 -9.47 -2.73 -0.37
CA GLU A 249 -10.27 -3.73 -1.10
C GLU A 249 -9.86 -5.16 -0.76
N GLY A 250 -8.71 -5.35 -0.11
CA GLY A 250 -8.19 -6.69 0.20
C GLY A 250 -7.03 -7.14 -0.67
N ARG A 251 -6.46 -6.20 -1.47
CA ARG A 251 -5.34 -6.48 -2.35
C ARG A 251 -4.02 -6.28 -1.60
N ILE A 252 -2.91 -6.70 -2.25
CA ILE A 252 -1.55 -6.69 -1.74
C ILE A 252 -0.71 -5.68 -2.54
N ALA A 253 0.03 -4.81 -1.83
CA ALA A 253 0.93 -3.83 -2.47
C ALA A 253 2.41 -4.28 -2.31
N ILE A 254 3.17 -4.23 -3.41
CA ILE A 254 4.58 -4.62 -3.40
C ILE A 254 5.42 -3.44 -3.83
N PHE A 255 6.45 -3.14 -3.03
CA PHE A 255 7.42 -2.09 -3.32
C PHE A 255 8.78 -2.71 -3.53
N VAL A 256 9.31 -2.57 -4.75
CA VAL A 256 10.62 -3.09 -5.15
C VAL A 256 11.65 -1.93 -5.11
N ASP A 257 12.83 -2.21 -4.56
CA ASP A 257 13.93 -1.26 -4.45
C ASP A 257 14.35 -0.77 -5.84
N GLY A 258 14.31 0.55 -6.01
CA GLY A 258 14.68 1.21 -7.26
C GLY A 258 13.54 1.46 -8.24
N THR A 259 12.34 0.86 -8.01
CA THR A 259 11.22 1.08 -8.93
C THR A 259 10.32 2.20 -8.40
N PRO A 260 10.07 3.27 -9.18
CA PRO A 260 9.29 4.41 -8.65
C PRO A 260 7.76 4.24 -8.75
N PHE A 261 7.26 3.07 -8.30
CA PHE A 261 5.84 2.75 -8.29
C PHE A 261 5.50 1.56 -7.38
N GLY A 262 4.23 1.50 -6.99
CA GLY A 262 3.69 0.42 -6.19
C GLY A 262 3.14 -0.63 -7.13
N LEU A 263 3.24 -1.91 -6.75
CA LEU A 263 2.73 -2.99 -7.59
C LEU A 263 1.55 -3.62 -6.86
N ILE A 264 0.35 -3.52 -7.46
CA ILE A 264 -0.90 -4.04 -6.89
C ILE A 264 -1.10 -5.45 -7.41
N ALA A 265 -1.39 -6.38 -6.51
CA ALA A 265 -1.62 -7.78 -6.87
C ALA A 265 -2.81 -8.38 -6.10
N PRO A 266 -3.70 -9.15 -6.76
CA PRO A 266 -3.74 -9.45 -8.20
C PRO A 266 -4.35 -8.24 -8.93
N ALA A 267 -3.95 -7.99 -10.19
CA ALA A 267 -4.46 -6.84 -10.96
C ALA A 267 -5.96 -6.99 -11.25
N LEU A 268 -6.44 -8.21 -11.51
CA LEU A 268 -7.85 -8.50 -11.72
C LEU A 268 -8.34 -9.25 -10.47
N PHE A 269 -9.16 -8.55 -9.67
CA PHE A 269 -9.66 -9.01 -8.38
C PHE A 269 -11.11 -8.55 -8.23
N ILE A 270 -12.04 -9.46 -8.58
CA ILE A 270 -13.48 -9.19 -8.56
C ILE A 270 -14.10 -9.83 -7.32
N GLN A 271 -14.68 -8.99 -6.43
CA GLN A 271 -15.28 -9.46 -5.19
C GLN A 271 -16.83 -9.38 -5.18
N PHE A 272 -17.49 -10.25 -4.39
CA PHE A 272 -18.94 -10.30 -4.23
C PHE A 272 -19.32 -10.47 -2.77
N GLY B 147 -19.81 7.75 -6.01
CA GLY B 147 -19.43 8.16 -7.37
C GLY B 147 -18.59 7.14 -8.12
N ALA B 148 -18.95 5.84 -7.97
CA ALA B 148 -18.29 4.72 -8.62
C ALA B 148 -19.01 4.34 -9.90
N PHE B 149 -18.34 3.56 -10.75
CA PHE B 149 -18.91 3.07 -11.99
C PHE B 149 -20.14 2.20 -11.72
N THR B 150 -21.05 2.18 -12.70
CA THR B 150 -22.29 1.42 -12.69
C THR B 150 -22.23 0.27 -13.71
N GLU B 151 -23.36 -0.43 -13.89
CA GLU B 151 -23.52 -1.53 -14.83
C GLU B 151 -23.71 -1.01 -16.28
N SER B 152 -23.95 0.32 -16.45
CA SER B 152 -24.20 1.00 -17.73
C SER B 152 -22.94 1.58 -18.34
N ILE B 153 -22.60 1.15 -19.58
CA ILE B 153 -21.44 1.66 -20.33
C ILE B 153 -21.59 3.20 -20.52
N GLY B 154 -22.76 3.62 -21.00
CA GLY B 154 -23.08 5.03 -21.24
C GLY B 154 -22.81 5.94 -20.08
N THR B 155 -23.23 5.52 -18.88
CA THR B 155 -23.04 6.23 -17.62
C THR B 155 -21.55 6.29 -17.29
N ASN B 156 -20.85 5.15 -17.43
CA ASN B 156 -19.43 5.02 -17.14
C ASN B 156 -18.58 5.95 -18.05
N LEU B 157 -18.91 6.06 -19.36
CA LEU B 157 -18.16 6.93 -20.29
C LEU B 157 -18.32 8.41 -19.92
N ALA B 158 -19.56 8.80 -19.50
CA ALA B 158 -19.91 10.15 -19.06
C ALA B 158 -19.09 10.53 -17.83
N MET B 159 -18.88 9.55 -16.91
CA MET B 159 -18.11 9.75 -15.69
C MET B 159 -16.66 10.08 -16.02
N VAL B 160 -16.07 9.40 -17.02
CA VAL B 160 -14.68 9.64 -17.44
C VAL B 160 -14.58 11.00 -18.17
N ARG B 161 -15.54 11.32 -19.06
CA ARG B 161 -15.54 12.58 -19.80
C ARG B 161 -15.76 13.82 -18.86
N ARG B 162 -16.26 13.62 -17.62
CA ARG B 162 -16.39 14.69 -16.63
C ARG B 162 -15.02 15.10 -16.15
N ILE B 163 -14.06 14.14 -16.14
CA ILE B 163 -12.65 14.37 -15.74
C ILE B 163 -11.79 14.71 -16.99
N ILE B 164 -11.76 13.81 -18.01
CA ILE B 164 -10.97 14.05 -19.24
C ILE B 164 -11.92 14.68 -20.24
N LYS B 165 -11.79 15.99 -20.39
CA LYS B 165 -12.65 16.85 -21.21
C LYS B 165 -12.12 17.11 -22.62
N THR B 166 -10.93 16.59 -22.99
CA THR B 166 -10.34 16.77 -24.34
C THR B 166 -11.11 15.96 -25.43
N PRO B 167 -11.22 16.50 -26.67
CA PRO B 167 -11.88 15.73 -27.74
C PRO B 167 -10.99 14.60 -28.25
N ASP B 168 -9.72 14.54 -27.78
CA ASP B 168 -8.77 13.50 -28.17
C ASP B 168 -9.08 12.15 -27.47
N LEU B 169 -9.96 12.17 -26.44
CA LEU B 169 -10.38 10.95 -25.78
C LEU B 169 -11.39 10.28 -26.73
N TRP B 170 -10.96 9.19 -27.39
CA TRP B 170 -11.73 8.49 -28.39
C TRP B 170 -12.28 7.19 -27.92
N LEU B 171 -13.41 6.86 -28.49
CA LEU B 171 -14.16 5.65 -28.25
C LEU B 171 -13.96 4.64 -29.34
N GLU B 172 -14.46 3.47 -29.06
CA GLU B 172 -14.60 2.40 -30.02
C GLU B 172 -15.50 1.33 -29.45
N SER B 173 -16.70 1.20 -30.02
CA SER B 173 -17.69 0.23 -29.58
C SER B 173 -17.51 -1.05 -30.37
N MET B 174 -17.61 -2.19 -29.70
CA MET B 174 -17.50 -3.49 -30.37
C MET B 174 -18.30 -4.55 -29.62
N LYS B 175 -18.49 -5.71 -30.28
CA LYS B 175 -19.21 -6.87 -29.77
C LYS B 175 -18.23 -8.00 -29.68
N ILE B 176 -17.82 -8.32 -28.46
CA ILE B 176 -16.86 -9.38 -28.19
C ILE B 176 -17.57 -10.51 -27.48
N GLY B 177 -17.04 -11.70 -27.60
CA GLY B 177 -17.62 -12.89 -26.96
C GLY B 177 -17.33 -14.15 -27.72
N ARG B 178 -17.10 -15.24 -26.97
CA ARG B 178 -16.80 -16.54 -27.55
C ARG B 178 -18.08 -17.22 -28.08
N VAL B 179 -19.04 -17.54 -27.17
CA VAL B 179 -20.28 -18.23 -27.54
C VAL B 179 -21.36 -17.21 -27.99
N THR B 180 -21.64 -16.21 -27.13
CA THR B 180 -22.60 -15.14 -27.38
C THR B 180 -21.87 -13.80 -27.28
N LYS B 181 -22.40 -12.77 -27.96
CA LYS B 181 -21.77 -11.45 -27.98
C LYS B 181 -22.20 -10.56 -26.82
N THR B 182 -21.22 -9.82 -26.30
CA THR B 182 -21.33 -8.83 -25.23
C THR B 182 -20.84 -7.47 -25.79
N ASP B 183 -21.60 -6.40 -25.51
CA ASP B 183 -21.25 -5.04 -25.94
C ASP B 183 -20.15 -4.51 -25.05
N VAL B 184 -19.15 -3.91 -25.69
CA VAL B 184 -17.94 -3.37 -25.06
C VAL B 184 -17.57 -2.03 -25.70
N THR B 185 -17.14 -1.04 -24.89
CA THR B 185 -16.62 0.23 -25.39
C THR B 185 -15.20 0.40 -24.86
N LEU B 186 -14.29 0.60 -25.81
CA LEU B 186 -12.85 0.80 -25.64
C LEU B 186 -12.56 2.32 -25.65
N MET B 187 -11.68 2.76 -24.76
CA MET B 187 -11.24 4.16 -24.60
C MET B 187 -9.72 4.30 -24.65
N TYR B 188 -9.24 5.38 -25.26
CA TYR B 188 -7.82 5.75 -25.35
C TYR B 188 -7.71 7.21 -25.74
N ILE B 189 -6.63 7.90 -25.34
CA ILE B 189 -6.46 9.30 -25.74
C ILE B 189 -5.55 9.29 -26.97
N HIS B 190 -6.15 9.62 -28.12
CA HIS B 190 -5.49 9.73 -29.41
C HIS B 190 -4.31 10.72 -29.30
N GLY B 191 -3.13 10.25 -29.68
CA GLY B 191 -1.94 11.09 -29.60
C GLY B 191 -1.11 10.90 -28.35
N ILE B 192 -1.72 10.36 -27.29
CA ILE B 192 -1.03 10.03 -26.02
C ILE B 192 -0.80 8.52 -26.04
N ALA B 193 -1.85 7.72 -26.30
CA ALA B 193 -1.73 6.27 -26.40
C ALA B 193 -0.96 5.88 -27.66
N ASN B 194 -0.08 4.87 -27.53
CA ASN B 194 0.70 4.35 -28.66
C ASN B 194 -0.22 3.59 -29.58
N ASP B 195 -0.18 3.91 -30.89
CA ASP B 195 -1.06 3.26 -31.86
C ASP B 195 -0.81 1.76 -31.96
N LYS B 196 0.46 1.32 -31.89
CA LYS B 196 0.80 -0.10 -31.95
C LYS B 196 0.20 -0.86 -30.73
N VAL B 197 0.12 -0.21 -29.55
CA VAL B 197 -0.46 -0.79 -28.33
C VAL B 197 -1.99 -0.86 -28.48
N VAL B 198 -2.61 0.19 -29.06
CA VAL B 198 -4.06 0.26 -29.28
C VAL B 198 -4.46 -0.84 -30.25
N LYS B 199 -3.76 -0.94 -31.41
CA LYS B 199 -4.01 -1.96 -32.45
C LYS B 199 -3.93 -3.39 -31.88
N GLU B 200 -2.94 -3.66 -31.02
CA GLU B 200 -2.73 -4.97 -30.40
C GLU B 200 -3.80 -5.31 -29.38
N ILE B 201 -4.20 -4.35 -28.53
CA ILE B 201 -5.22 -4.60 -27.51
C ILE B 201 -6.59 -4.84 -28.19
N ARG B 202 -6.92 -4.05 -29.24
CA ARG B 202 -8.15 -4.17 -30.01
C ARG B 202 -8.25 -5.57 -30.66
N LYS B 203 -7.16 -6.02 -31.30
CA LYS B 203 -7.02 -7.32 -31.96
C LYS B 203 -7.28 -8.45 -30.95
N ARG B 204 -6.66 -8.39 -29.76
CA ARG B 204 -6.83 -9.40 -28.71
C ARG B 204 -8.25 -9.45 -28.18
N LEU B 205 -8.87 -8.28 -27.99
CA LEU B 205 -10.23 -8.13 -27.49
C LEU B 205 -11.22 -8.82 -28.38
N LYS B 206 -11.12 -8.62 -29.70
CA LYS B 206 -11.98 -9.20 -30.71
C LYS B 206 -12.10 -10.73 -30.58
N ASN B 207 -11.04 -11.41 -30.12
CA ASN B 207 -11.01 -12.86 -29.97
C ASN B 207 -10.88 -13.33 -28.51
N ILE B 208 -11.02 -12.41 -27.53
CA ILE B 208 -10.91 -12.74 -26.10
C ILE B 208 -12.17 -13.48 -25.61
N ASP B 209 -11.97 -14.39 -24.63
CA ASP B 209 -13.04 -15.07 -23.92
C ASP B 209 -13.19 -14.30 -22.63
N ILE B 210 -13.88 -13.16 -22.72
CA ILE B 210 -14.09 -12.20 -21.65
C ILE B 210 -14.71 -12.83 -20.40
N ASP B 211 -15.57 -13.83 -20.57
CA ASP B 211 -16.24 -14.49 -19.47
C ASP B 211 -15.22 -15.27 -18.64
N SER B 212 -14.37 -16.08 -19.30
CA SER B 212 -13.30 -16.87 -18.70
C SER B 212 -12.26 -15.96 -18.03
N ILE B 213 -11.87 -14.86 -18.72
CA ILE B 213 -10.91 -13.87 -18.24
C ILE B 213 -11.43 -13.25 -16.94
N LEU B 214 -12.70 -12.80 -16.93
CA LEU B 214 -13.27 -12.16 -15.74
C LEU B 214 -13.50 -13.16 -14.61
N GLU B 215 -14.00 -14.37 -14.93
CA GLU B 215 -14.23 -15.44 -13.95
C GLU B 215 -12.92 -15.87 -13.28
N SER B 216 -11.77 -15.79 -14.00
CA SER B 216 -10.45 -16.13 -13.46
C SER B 216 -10.02 -15.12 -12.38
N GLY B 217 -10.65 -13.94 -12.40
CA GLY B 217 -10.40 -12.86 -11.45
C GLY B 217 -11.25 -12.93 -10.19
N TYR B 218 -12.18 -13.91 -10.10
CA TYR B 218 -13.01 -14.09 -8.91
C TYR B 218 -12.14 -14.67 -7.79
N VAL B 219 -12.37 -14.26 -6.54
CA VAL B 219 -11.57 -14.66 -5.37
C VAL B 219 -11.38 -16.20 -5.33
N GLU B 220 -12.45 -17.00 -5.50
CA GLU B 220 -12.44 -18.47 -5.48
C GLU B 220 -11.37 -19.05 -6.44
N GLN B 221 -11.36 -18.56 -7.69
CA GLN B 221 -10.43 -18.95 -8.76
C GLN B 221 -9.01 -18.37 -8.56
N LEU B 222 -8.84 -17.46 -7.60
CA LEU B 222 -7.52 -16.91 -7.30
C LEU B 222 -6.93 -17.70 -6.14
N ILE B 223 -7.78 -18.27 -5.28
CA ILE B 223 -7.44 -19.06 -4.10
C ILE B 223 -6.76 -20.38 -4.49
N GLU B 224 -7.38 -21.16 -5.42
CA GLU B 224 -6.89 -22.49 -5.80
C GLU B 224 -6.42 -22.57 -7.26
N ASP B 225 -7.33 -22.26 -8.22
CA ASP B 225 -7.13 -22.33 -9.67
C ASP B 225 -5.76 -21.75 -10.11
N GLN B 226 -5.58 -20.40 -10.05
CA GLN B 226 -4.34 -19.65 -10.38
C GLN B 226 -3.80 -19.97 -11.80
N THR B 227 -4.46 -19.42 -12.82
CA THR B 227 -4.10 -19.57 -14.24
C THR B 227 -3.18 -18.45 -14.72
N VAL B 228 -2.50 -18.68 -15.87
CA VAL B 228 -1.68 -17.66 -16.53
C VAL B 228 -2.63 -16.68 -17.21
N THR B 229 -2.16 -15.49 -17.53
CA THR B 229 -3.00 -14.48 -18.17
C THR B 229 -2.36 -14.05 -19.49
N PRO B 230 -3.03 -14.31 -20.64
CA PRO B 230 -2.47 -13.86 -21.93
C PRO B 230 -2.55 -12.34 -22.06
N PHE B 231 -1.76 -11.79 -23.00
CA PHE B 231 -1.70 -10.36 -23.27
C PHE B 231 -3.07 -9.84 -23.78
N PRO B 232 -3.54 -8.69 -23.27
CA PRO B 232 -2.95 -7.88 -22.20
C PRO B 232 -3.56 -8.22 -20.83
N THR B 233 -2.75 -8.13 -19.77
CA THR B 233 -3.24 -8.28 -18.41
C THR B 233 -4.15 -7.10 -18.15
N ILE B 234 -5.23 -7.30 -17.40
CA ILE B 234 -6.16 -6.21 -17.15
C ILE B 234 -6.27 -5.90 -15.64
N TYR B 235 -6.54 -4.64 -15.33
CA TYR B 235 -6.73 -4.15 -13.97
C TYR B 235 -8.16 -3.58 -13.83
N ASN B 236 -8.94 -4.09 -12.87
CA ASN B 236 -10.32 -3.62 -12.64
C ASN B 236 -10.36 -2.50 -11.58
N THR B 237 -11.08 -1.42 -11.89
CA THR B 237 -11.24 -0.30 -10.95
C THR B 237 -12.66 0.25 -11.02
N GLU B 238 -13.24 0.55 -9.87
CA GLU B 238 -14.58 1.16 -9.84
C GLU B 238 -14.50 2.68 -9.75
N ARG B 239 -13.27 3.24 -9.72
CA ARG B 239 -12.98 4.67 -9.56
C ARG B 239 -12.69 5.38 -10.91
N PRO B 240 -13.56 6.31 -11.37
CA PRO B 240 -13.30 7.01 -12.64
C PRO B 240 -11.99 7.82 -12.67
N ASP B 241 -11.53 8.35 -11.52
CA ASP B 241 -10.26 9.11 -11.45
C ASP B 241 -9.05 8.21 -11.76
N VAL B 242 -9.09 6.94 -11.32
CA VAL B 242 -8.03 5.96 -11.57
C VAL B 242 -8.00 5.64 -13.10
N VAL B 243 -9.18 5.53 -13.74
CA VAL B 243 -9.30 5.31 -15.18
C VAL B 243 -8.73 6.53 -15.91
N ALA B 244 -9.16 7.74 -15.48
CA ALA B 244 -8.69 9.01 -16.03
C ALA B 244 -7.17 9.10 -15.96
N GLY B 245 -6.60 8.72 -14.82
CA GLY B 245 -5.17 8.69 -14.59
C GLY B 245 -4.46 7.85 -15.61
N ASN B 246 -4.88 6.59 -15.77
CA ASN B 246 -4.26 5.66 -16.71
C ASN B 246 -4.44 6.10 -18.18
N LEU B 247 -5.59 6.72 -18.52
CA LEU B 247 -5.82 7.21 -19.86
C LEU B 247 -4.81 8.31 -20.20
N LEU B 248 -4.46 9.18 -19.23
CA LEU B 248 -3.49 10.26 -19.45
C LEU B 248 -2.06 9.72 -19.55
N GLU B 249 -1.84 8.44 -19.21
CA GLU B 249 -0.50 7.91 -19.35
C GLU B 249 -0.37 7.00 -20.57
N GLY B 250 -1.40 6.94 -21.41
CA GLY B 250 -1.34 6.20 -22.67
C GLY B 250 -1.92 4.81 -22.65
N ARG B 251 -2.66 4.47 -21.57
CA ARG B 251 -3.32 3.17 -21.42
C ARG B 251 -4.71 3.23 -22.05
N ILE B 252 -5.35 2.04 -22.14
CA ILE B 252 -6.64 1.79 -22.76
C ILE B 252 -7.64 1.35 -21.68
N ALA B 253 -8.82 2.00 -21.67
CA ALA B 253 -9.89 1.66 -20.74
C ALA B 253 -11.01 0.87 -21.47
N ILE B 254 -11.45 -0.24 -20.88
CA ILE B 254 -12.49 -1.08 -21.47
C ILE B 254 -13.66 -1.14 -20.53
N PHE B 255 -14.85 -0.85 -21.07
CA PHE B 255 -16.11 -0.93 -20.34
C PHE B 255 -16.95 -2.03 -20.95
N VAL B 256 -17.21 -3.08 -20.16
CA VAL B 256 -18.01 -4.23 -20.55
C VAL B 256 -19.43 -4.04 -20.01
N ASP B 257 -20.45 -4.30 -20.84
CA ASP B 257 -21.86 -4.17 -20.49
C ASP B 257 -22.18 -5.09 -19.32
N GLY B 258 -22.71 -4.48 -18.26
CA GLY B 258 -23.11 -5.18 -17.05
C GLY B 258 -22.05 -5.26 -15.96
N THR B 259 -20.76 -4.91 -16.25
CA THR B 259 -19.71 -4.98 -15.23
C THR B 259 -19.53 -3.58 -14.60
N PRO B 260 -19.67 -3.47 -13.25
CA PRO B 260 -19.59 -2.14 -12.61
C PRO B 260 -18.17 -1.65 -12.32
N PHE B 261 -17.29 -1.73 -13.32
CA PHE B 261 -15.90 -1.27 -13.22
C PHE B 261 -15.26 -1.09 -14.61
N GLY B 262 -14.21 -0.28 -14.63
CA GLY B 262 -13.41 -0.03 -15.81
C GLY B 262 -12.29 -1.04 -15.83
N LEU B 263 -11.88 -1.48 -17.02
CA LEU B 263 -10.76 -2.41 -17.13
C LEU B 263 -9.60 -1.68 -17.81
N ILE B 264 -8.49 -1.55 -17.11
CA ILE B 264 -7.28 -0.86 -17.59
C ILE B 264 -6.37 -1.88 -18.22
N ALA B 265 -5.90 -1.58 -19.44
CA ALA B 265 -4.99 -2.46 -20.15
C ALA B 265 -3.85 -1.67 -20.85
N PRO B 266 -2.60 -2.17 -20.79
CA PRO B 266 -2.12 -3.35 -20.05
C PRO B 266 -1.97 -2.97 -18.56
N ALA B 267 -2.17 -3.93 -17.64
CA ALA B 267 -2.07 -3.65 -16.20
C ALA B 267 -0.64 -3.28 -15.80
N LEU B 268 0.38 -3.89 -16.42
CA LEU B 268 1.79 -3.56 -16.20
C LEU B 268 2.27 -2.83 -17.45
N PHE B 269 2.49 -1.50 -17.30
CA PHE B 269 2.85 -0.59 -18.38
C PHE B 269 3.87 0.41 -17.86
N ILE B 270 5.17 0.09 -18.07
CA ILE B 270 6.30 0.88 -17.58
C ILE B 270 6.87 1.73 -18.73
N GLN B 271 6.78 3.06 -18.58
CA GLN B 271 7.28 4.01 -19.60
C GLN B 271 8.54 4.76 -19.16
N PHE B 272 9.35 5.22 -20.14
CA PHE B 272 10.59 5.98 -19.90
C PHE B 272 10.70 7.17 -20.86
#